data_7OZJ
#
_entry.id   7OZJ
#
_cell.length_a   1.00
_cell.length_b   1.00
_cell.length_c   1.00
_cell.angle_alpha   90.00
_cell.angle_beta   90.00
_cell.angle_gamma   90.00
#
_symmetry.space_group_name_H-M   'P 1'
#
loop_
_entity.id
_entity.type
_entity.pdbx_description
1 polymer VP1
2 polymer VP2
3 polymer VP3
#
loop_
_entity_poly.entity_id
_entity_poly.type
_entity_poly.pdbx_seq_one_letter_code
_entity_poly.pdbx_strand_id
1 'polypeptide(L)'
;AATTQIGEIVKTVANTVESEIKAELGVIPSLNAVETGATSNTEPEEAIQTRTVINMHGTAECLVENFLGRSALVCMRSFE
YKNHSTSTSSIQKNFFIWTLNTRELVQIRRKMELFTYLRFDTEITIVPTLRLFSSSNVSFSGLPNLTLQAMYVPTGARKP
SSQDSFEWQSACNPSVFFKINDPPARLTIPFMSINSAYANFYDGFAGFEKKATVLYGINPANTMGNLCLRVVNSYQPVQY
TLTVRVYMKPKHIKAWAPRAPRTMPYTNILNNNYAGRSAAPNAPTAIVSHRSTIKTMPNDINLTTA
;
A
2 'polypeptide(L)'
;SPSAEACGYSDRVLQLKLGNSSIVTQEAANICCAYGEWPTYLPDNEAVAIDKPTQPETSTDRFYTLKSKKWESNSTGWWW
KLPDALNQIGMFGQNVQYHYLYRSGFLCHVQCNATKFHQGTLLIVAIPEHQIGKKGTGTSASFAEVMKGAEGGVFEQPYL
LDDGTSLACALVYPHQWINLRTNNSATIVLPWMNSAPMDFALRHNNWTLAVIPVCPLAGGTGNTNTYVPITISIAPMCAE
YNGLRNAITQ
;
B
3 'polypeptide(L)'
;GVPTCLLPGSNQFLTTDDHSSAPAFPDFSPTPEMHIPGQVHSMLEIVQIESMMEINNVNDASGVERLRVQISAQSDMDQL
LFNIPLDIQLEGPLRNTLLGNISRYYTHWSGSLEMTFMFCGSFMTTGKLIICYTPPGGSSPTDRMQAMLATHVVWDFGLQ
SSITIIIPWISGSHYRMFNTDAKAINANVGYVTCFMQTNLVAPVGAADQCYIVGMVAAKKDFNLRLMRDSPDIGQSAILP
EQ
;
C
#
# COMPACT_ATOMS: atom_id res chain seq x y z
N THR A 59 21.32 -6.30 6.34
CA THR A 59 20.68 -6.29 7.68
C THR A 59 19.41 -7.13 7.71
N ALA A 60 19.47 -8.39 8.14
CA ALA A 60 18.34 -9.20 8.61
C ALA A 60 17.06 -9.16 7.73
N GLU A 61 15.89 -8.92 8.32
CA GLU A 61 14.60 -8.79 7.62
C GLU A 61 14.37 -7.46 6.92
N CYS A 62 15.40 -6.64 6.71
CA CYS A 62 15.29 -5.45 5.87
C CYS A 62 15.32 -5.77 4.37
N LEU A 63 15.98 -6.85 3.93
CA LEU A 63 15.88 -7.35 2.55
C LEU A 63 14.47 -7.91 2.32
N VAL A 64 13.79 -7.51 1.24
CA VAL A 64 12.34 -7.73 1.14
C VAL A 64 11.97 -9.21 1.16
N GLU A 65 12.80 -10.08 0.59
CA GLU A 65 12.61 -11.53 0.67
C GLU A 65 12.54 -12.02 2.12
N ASN A 66 13.33 -11.44 3.02
CA ASN A 66 13.28 -11.78 4.44
C ASN A 66 12.11 -11.08 5.16
N PHE A 67 11.67 -9.91 4.71
CA PHE A 67 10.46 -9.26 5.26
C PHE A 67 9.23 -10.13 5.01
N LEU A 68 9.08 -10.65 3.80
CA LEU A 68 7.90 -11.39 3.38
C LEU A 68 8.00 -12.90 3.62
N GLY A 69 9.17 -13.49 3.51
CA GLY A 69 9.37 -14.95 3.48
C GLY A 69 9.05 -15.75 4.76
N ARG A 70 8.28 -15.24 5.72
CA ARG A 70 7.78 -15.98 6.90
C ARG A 70 6.58 -16.83 6.49
N SER A 71 6.60 -18.13 6.75
CA SER A 71 5.56 -19.06 6.30
C SER A 71 4.22 -18.76 6.95
N ALA A 72 3.28 -18.23 6.18
CA ALA A 72 2.00 -17.78 6.69
C ALA A 72 0.96 -18.91 6.72
N LEU A 73 0.23 -19.08 7.82
CA LEU A 73 -0.92 -19.99 7.88
C LEU A 73 -2.10 -19.41 7.11
N VAL A 74 -2.15 -19.67 5.80
CA VAL A 74 -3.09 -18.99 4.89
C VAL A 74 -4.47 -19.63 4.84
N CYS A 75 -4.63 -20.86 5.33
CA CYS A 75 -5.94 -21.52 5.41
C CYS A 75 -5.98 -22.42 6.65
N MET A 76 -7.07 -22.37 7.41
CA MET A 76 -7.24 -23.15 8.64
C MET A 76 -8.71 -23.62 8.77
N ARG A 77 -8.97 -24.91 8.59
CA ARG A 77 -10.31 -25.50 8.35
C ARG A 77 -10.42 -26.95 8.86
N SER A 78 -11.63 -27.51 8.90
CA SER A 78 -11.88 -28.89 9.34
C SER A 78 -13.05 -29.56 8.60
N PHE A 79 -13.06 -30.89 8.55
CA PHE A 79 -14.29 -31.65 8.35
C PHE A 79 -14.22 -33.04 8.99
N GLU A 80 -15.40 -33.64 9.19
CA GLU A 80 -15.58 -34.89 9.92
C GLU A 80 -15.64 -36.10 9.00
N TYR A 81 -15.46 -37.29 9.59
CA TYR A 81 -16.00 -38.53 9.05
C TYR A 81 -16.66 -39.30 10.20
N LYS A 82 -17.82 -39.91 9.92
CA LYS A 82 -18.86 -40.24 10.92
C LYS A 82 -19.60 -41.55 10.62
N ASN A 83 -20.43 -42.01 11.56
CA ASN A 83 -21.35 -43.14 11.35
C ASN A 83 -22.23 -42.92 10.08
N LYS A 93 -19.13 -34.16 -0.82
CA LYS A 93 -18.98 -33.54 0.50
C LYS A 93 -17.66 -33.89 1.19
N ASN A 94 -17.22 -33.03 2.10
CA ASN A 94 -16.02 -33.22 2.94
C ASN A 94 -14.74 -33.44 2.10
N PHE A 95 -14.44 -32.44 1.27
CA PHE A 95 -13.19 -32.24 0.54
C PHE A 95 -12.93 -30.74 0.35
N PHE A 96 -11.68 -30.32 0.16
CA PHE A 96 -11.28 -28.91 0.05
C PHE A 96 -10.79 -28.52 -1.34
N ILE A 97 -10.93 -27.24 -1.68
CA ILE A 97 -10.81 -26.70 -3.05
C ILE A 97 -10.27 -25.25 -3.07
N TRP A 98 -9.61 -24.82 -1.99
CA TRP A 98 -9.25 -23.43 -1.75
C TRP A 98 -8.21 -22.88 -2.75
N THR A 99 -8.53 -21.76 -3.40
CA THR A 99 -7.65 -21.05 -4.33
C THR A 99 -6.58 -20.31 -3.58
N LEU A 100 -5.36 -20.25 -4.14
CA LEU A 100 -4.17 -19.91 -3.36
C LEU A 100 -4.05 -18.44 -2.93
N ASN A 101 -4.98 -17.57 -3.30
CA ASN A 101 -4.93 -16.16 -2.96
C ASN A 101 -4.87 -15.90 -1.44
N THR A 102 -3.87 -15.11 -1.03
CA THR A 102 -3.51 -14.82 0.37
C THR A 102 -4.44 -13.78 1.01
N ARG A 103 -5.74 -13.90 0.81
CA ARG A 103 -6.76 -12.96 1.30
C ARG A 103 -7.65 -13.54 2.39
N GLU A 104 -7.55 -14.85 2.63
CA GLU A 104 -8.24 -15.59 3.70
C GLU A 104 -7.73 -15.28 5.12
N LEU A 105 -6.57 -14.62 5.25
CA LEU A 105 -5.96 -14.28 6.55
C LEU A 105 -5.44 -12.83 6.55
N VAL A 106 -5.86 -12.03 7.53
CA VAL A 106 -5.69 -10.57 7.53
C VAL A 106 -4.27 -10.05 7.79
N GLN A 107 -3.45 -10.70 8.61
CA GLN A 107 -2.07 -10.23 8.82
C GLN A 107 -1.28 -10.27 7.53
N ILE A 108 -1.27 -11.42 6.85
CA ILE A 108 -0.54 -11.56 5.60
C ILE A 108 -1.16 -10.73 4.48
N ARG A 109 -2.48 -10.50 4.49
CA ARG A 109 -3.15 -9.56 3.59
C ARG A 109 -2.43 -8.22 3.63
N ARG A 110 -2.37 -7.58 4.80
CA ARG A 110 -1.67 -6.29 4.96
C ARG A 110 -0.20 -6.37 4.59
N LYS A 111 0.54 -7.33 5.16
CA LYS A 111 1.99 -7.42 4.92
C LYS A 111 2.29 -7.56 3.43
N MET A 112 1.42 -8.23 2.67
CA MET A 112 1.56 -8.41 1.24
C MET A 112 1.14 -7.18 0.45
N GLU A 113 0.06 -6.50 0.85
CA GLU A 113 -0.49 -5.34 0.15
C GLU A 113 0.43 -4.11 0.12
N LEU A 114 1.57 -4.10 0.81
CA LEU A 114 2.53 -3.01 0.69
C LEU A 114 3.25 -2.97 -0.67
N PHE A 115 3.02 -3.93 -1.56
CA PHE A 115 3.63 -3.95 -2.88
C PHE A 115 2.58 -4.21 -3.96
N THR A 116 2.64 -3.46 -5.04
CA THR A 116 1.65 -3.53 -6.10
C THR A 116 1.85 -4.73 -6.99
N TYR A 117 3.09 -5.10 -7.27
CA TYR A 117 3.39 -6.29 -8.05
C TYR A 117 4.46 -7.13 -7.36
N LEU A 118 4.28 -8.45 -7.30
CA LEU A 118 5.30 -9.37 -6.80
C LEU A 118 5.41 -10.57 -7.73
N ARG A 119 6.61 -11.07 -7.92
CA ARG A 119 6.90 -12.32 -8.63
C ARG A 119 7.58 -13.26 -7.64
N PHE A 120 7.01 -14.44 -7.43
CA PHE A 120 7.57 -15.41 -6.50
C PHE A 120 7.18 -16.85 -6.82
N ASP A 121 8.04 -17.79 -6.48
CA ASP A 121 7.61 -19.18 -6.27
C ASP A 121 6.84 -19.27 -4.96
N THR A 122 5.93 -20.22 -4.86
CA THR A 122 5.30 -20.54 -3.59
C THR A 122 5.71 -21.92 -3.15
N GLU A 123 6.38 -22.03 -2.02
CA GLU A 123 6.30 -23.28 -1.28
C GLU A 123 4.94 -23.34 -0.60
N ILE A 124 4.36 -24.52 -0.51
CA ILE A 124 3.20 -24.80 0.32
C ILE A 124 3.51 -26.02 1.16
N THR A 125 3.20 -25.96 2.44
CA THR A 125 3.23 -27.10 3.36
C THR A 125 1.84 -27.36 3.88
N ILE A 126 1.46 -28.63 3.97
CA ILE A 126 0.16 -29.07 4.46
C ILE A 126 0.37 -29.82 5.77
N VAL A 127 -0.29 -29.40 6.84
CA VAL A 127 -0.24 -30.09 8.12
C VAL A 127 -1.64 -30.53 8.52
N PRO A 128 -1.93 -31.84 8.64
CA PRO A 128 -3.19 -32.30 9.19
C PRO A 128 -3.15 -32.27 10.72
N THR A 129 -4.28 -32.43 11.38
CA THR A 129 -4.40 -32.67 12.83
C THR A 129 -5.75 -33.34 13.10
N LEU A 130 -5.92 -34.07 14.21
CA LEU A 130 -7.11 -34.89 14.46
C LEU A 130 -7.69 -34.68 15.87
N ARG A 131 -9.00 -34.52 15.98
CA ARG A 131 -9.75 -34.72 17.23
C ARG A 131 -10.63 -35.95 17.04
N LEU A 132 -10.37 -37.00 17.80
CA LEU A 132 -11.19 -38.23 17.78
C LEU A 132 -12.37 -38.08 18.75
N PHE A 133 -13.41 -38.90 18.57
CA PHE A 133 -14.63 -38.86 19.38
C PHE A 133 -14.96 -40.24 19.95
N LEU A 143 -3.35 -43.03 17.06
CA LEU A 143 -4.02 -42.25 16.02
C LEU A 143 -4.24 -43.08 14.74
N PRO A 144 -5.34 -42.88 14.00
CA PRO A 144 -5.52 -43.48 12.70
C PRO A 144 -4.63 -42.79 11.66
N ASN A 145 -3.58 -43.45 11.21
CA ASN A 145 -2.66 -42.90 10.23
C ASN A 145 -3.19 -43.03 8.79
N LEU A 146 -4.08 -42.12 8.40
CA LEU A 146 -4.74 -42.12 7.10
C LEU A 146 -3.82 -41.59 5.99
N THR A 147 -4.08 -41.98 4.76
CA THR A 147 -3.50 -41.34 3.58
C THR A 147 -4.31 -40.10 3.21
N LEU A 148 -3.63 -38.98 3.10
CA LEU A 148 -4.14 -37.74 2.56
C LEU A 148 -3.61 -37.54 1.15
N GLN A 149 -4.48 -37.16 0.24
CA GLN A 149 -4.05 -36.69 -1.07
C GLN A 149 -4.16 -35.19 -1.08
N ALA A 150 -3.06 -34.54 -1.45
CA ALA A 150 -3.05 -33.18 -1.96
C ALA A 150 -2.95 -33.23 -3.48
N MET A 151 -3.72 -32.38 -4.14
CA MET A 151 -3.67 -32.17 -5.57
C MET A 151 -3.56 -30.68 -5.81
N TYR A 152 -2.79 -30.25 -6.80
CA TYR A 152 -2.87 -28.88 -7.27
C TYR A 152 -3.69 -28.84 -8.54
N VAL A 153 -4.67 -27.96 -8.60
CA VAL A 153 -5.47 -27.73 -9.79
C VAL A 153 -5.11 -26.37 -10.37
N PRO A 154 -4.70 -26.27 -11.64
CA PRO A 154 -4.34 -25.00 -12.27
C PRO A 154 -5.50 -24.01 -12.39
N THR A 155 -5.19 -22.79 -12.80
CA THR A 155 -6.19 -21.76 -13.11
C THR A 155 -7.26 -22.28 -14.07
N GLY A 156 -8.52 -22.25 -13.62
CA GLY A 156 -9.71 -22.43 -14.46
C GLY A 156 -9.98 -23.84 -15.00
N ALA A 157 -9.14 -24.82 -14.68
CA ALA A 157 -9.40 -26.23 -15.00
C ALA A 157 -10.60 -26.77 -14.20
N ARG A 158 -11.09 -27.96 -14.57
CA ARG A 158 -12.14 -28.67 -13.83
C ARG A 158 -11.71 -28.92 -12.39
N LYS A 159 -12.67 -28.94 -11.46
CA LYS A 159 -12.49 -29.26 -10.04
C LYS A 159 -13.53 -30.32 -9.61
N PRO A 160 -13.19 -31.23 -8.69
CA PRO A 160 -14.05 -32.36 -8.30
C PRO A 160 -15.36 -31.97 -7.59
N SER A 161 -16.31 -32.92 -7.57
CA SER A 161 -17.66 -32.77 -7.00
C SER A 161 -17.80 -33.28 -5.56
N SER A 162 -16.98 -34.24 -5.18
CA SER A 162 -17.05 -34.97 -3.92
C SER A 162 -15.70 -35.58 -3.61
N GLN A 163 -15.59 -36.26 -2.46
CA GLN A 163 -14.43 -37.09 -2.14
C GLN A 163 -14.04 -38.03 -3.29
N ASP A 164 -15.02 -38.54 -4.03
CA ASP A 164 -14.88 -39.35 -5.23
C ASP A 164 -15.23 -38.54 -6.48
N SER A 165 -14.34 -38.55 -7.45
CA SER A 165 -14.45 -37.85 -8.72
C SER A 165 -13.26 -38.21 -9.59
N PHE A 166 -13.47 -38.44 -10.87
CA PHE A 166 -12.43 -38.68 -11.87
C PHE A 166 -11.29 -37.65 -11.82
N GLU A 167 -11.58 -36.40 -11.47
CA GLU A 167 -10.55 -35.37 -11.33
C GLU A 167 -9.45 -35.77 -10.36
N TRP A 168 -9.74 -36.47 -9.26
CA TRP A 168 -8.70 -36.86 -8.31
C TRP A 168 -7.66 -37.82 -8.90
N GLN A 169 -7.95 -38.41 -10.05
CA GLN A 169 -7.10 -39.36 -10.75
C GLN A 169 -6.24 -38.69 -11.84
N SER A 170 -6.43 -37.40 -12.10
CA SER A 170 -6.06 -36.73 -13.35
C SER A 170 -4.62 -36.99 -13.82
N ALA A 171 -4.46 -37.44 -15.06
CA ALA A 171 -3.18 -37.89 -15.62
C ALA A 171 -2.17 -36.75 -15.85
N CYS A 172 -2.60 -35.68 -16.52
CA CYS A 172 -1.77 -34.53 -16.84
C CYS A 172 -1.63 -33.51 -15.69
N ASN A 173 -1.67 -33.90 -14.42
CA ASN A 173 -1.97 -32.99 -13.31
C ASN A 173 -1.28 -33.33 -11.96
N PRO A 174 -0.50 -32.42 -11.34
CA PRO A 174 0.27 -32.71 -10.13
C PRO A 174 -0.53 -33.07 -8.88
N SER A 175 -0.10 -34.13 -8.20
CA SER A 175 -0.65 -34.53 -6.90
C SER A 175 0.36 -35.31 -6.05
N VAL A 176 0.14 -35.30 -4.73
CA VAL A 176 0.96 -35.90 -3.68
C VAL A 176 0.09 -36.66 -2.71
N PHE A 177 0.45 -37.91 -2.44
CA PHE A 177 -0.16 -38.75 -1.43
C PHE A 177 0.79 -38.84 -0.24
N PHE A 178 0.31 -38.61 0.97
CA PHE A 178 1.15 -38.67 2.18
C PHE A 178 0.37 -39.26 3.36
N LYS A 179 1.08 -39.86 4.31
CA LYS A 179 0.47 -40.48 5.49
C LYS A 179 0.50 -39.50 6.65
N ILE A 180 -0.59 -39.41 7.41
CA ILE A 180 -0.74 -38.45 8.52
C ILE A 180 0.42 -38.45 9.51
N ASN A 181 1.00 -39.61 9.83
CA ASN A 181 2.11 -39.69 10.78
C ASN A 181 3.49 -39.34 10.17
N ASP A 182 3.67 -39.33 8.85
CA ASP A 182 4.88 -38.74 8.27
C ASP A 182 4.98 -37.25 8.63
N PRO A 183 6.19 -36.66 8.67
CA PRO A 183 6.30 -35.22 8.73
C PRO A 183 5.55 -34.59 7.54
N PRO A 184 4.99 -33.39 7.71
CA PRO A 184 4.00 -32.81 6.80
C PRO A 184 4.53 -32.66 5.38
N ALA A 185 3.64 -32.76 4.40
CA ALA A 185 4.00 -32.68 2.99
C ALA A 185 4.34 -31.26 2.55
N ARG A 186 5.31 -31.12 1.65
CA ARG A 186 5.74 -29.85 1.05
C ARG A 186 5.63 -29.96 -0.47
N LEU A 187 5.33 -28.86 -1.14
CA LEU A 187 5.41 -28.72 -2.60
C LEU A 187 5.95 -27.33 -2.96
N THR A 188 6.60 -27.18 -4.11
CA THR A 188 6.77 -25.87 -4.76
C THR A 188 5.83 -25.75 -5.93
N ILE A 189 5.11 -24.64 -6.04
CA ILE A 189 4.55 -24.15 -7.29
C ILE A 189 5.52 -23.11 -7.85
N PRO A 190 6.01 -23.23 -9.09
CA PRO A 190 6.74 -22.16 -9.77
C PRO A 190 5.83 -20.95 -9.96
N PHE A 191 6.36 -19.80 -10.38
CA PHE A 191 5.51 -18.63 -10.57
C PHE A 191 4.48 -18.88 -11.67
N MET A 192 3.19 -18.86 -11.32
CA MET A 192 2.10 -19.39 -12.13
C MET A 192 1.08 -18.30 -12.51
N SER A 193 1.33 -17.62 -13.62
CA SER A 193 0.41 -16.69 -14.27
C SER A 193 0.83 -16.42 -15.71
N ILE A 194 -0.11 -16.00 -16.57
CA ILE A 194 0.19 -15.52 -17.93
C ILE A 194 0.76 -14.09 -17.93
N ASN A 195 0.58 -13.32 -16.84
CA ASN A 195 1.23 -12.02 -16.64
C ASN A 195 2.61 -12.19 -15.98
N SER A 196 3.56 -11.29 -16.23
CA SER A 196 4.96 -11.43 -15.77
C SER A 196 5.14 -11.42 -14.23
N ALA A 197 4.19 -10.87 -13.48
CA ALA A 197 4.17 -10.86 -12.02
C ALA A 197 2.71 -10.91 -11.51
N TYR A 198 2.48 -11.29 -10.26
CA TYR A 198 1.16 -11.08 -9.65
C TYR A 198 0.94 -9.60 -9.44
N ALA A 199 -0.08 -9.03 -10.08
CA ALA A 199 -0.54 -7.68 -9.80
C ALA A 199 -1.49 -7.72 -8.61
N ASN A 200 -0.95 -7.47 -7.41
CA ASN A 200 -1.64 -7.62 -6.13
C ASN A 200 -2.90 -6.75 -6.01
N PHE A 201 -2.91 -5.62 -6.71
CA PHE A 201 -4.11 -4.88 -7.04
C PHE A 201 -4.25 -4.81 -8.57
N TYR A 202 -5.47 -4.73 -9.05
CA TYR A 202 -5.83 -4.50 -10.45
C TYR A 202 -7.23 -3.90 -10.47
N ASP A 203 -7.46 -2.82 -11.23
CA ASP A 203 -8.72 -2.06 -11.17
C ASP A 203 -9.64 -2.27 -12.40
N GLY A 204 -9.30 -3.21 -13.27
CA GLY A 204 -10.03 -3.47 -14.50
C GLY A 204 -11.10 -4.55 -14.36
N PHE A 205 -11.42 -5.18 -15.48
CA PHE A 205 -12.45 -6.22 -15.57
C PHE A 205 -12.08 -7.39 -16.48
N ALA A 206 -11.69 -7.15 -17.75
CA ALA A 206 -11.45 -8.17 -18.76
C ALA A 206 -10.35 -7.80 -19.76
N GLY A 207 -9.81 -8.80 -20.47
CA GLY A 207 -8.74 -8.65 -21.48
C GLY A 207 -9.18 -8.36 -22.92
N PHE A 208 -10.49 -8.34 -23.18
CA PHE A 208 -11.09 -8.19 -24.51
C PHE A 208 -12.32 -7.24 -24.47
N GLU A 209 -13.41 -7.62 -23.80
CA GLU A 209 -14.59 -6.77 -23.52
C GLU A 209 -15.34 -7.25 -22.26
N LYS A 210 -16.12 -6.36 -21.63
CA LYS A 210 -16.80 -6.55 -20.34
C LYS A 210 -18.31 -6.79 -20.46
N LYS A 211 -18.79 -7.81 -19.75
CA LYS A 211 -20.22 -8.05 -19.42
C LYS A 211 -20.58 -7.58 -18.01
N ALA A 212 -21.87 -7.40 -17.72
CA ALA A 212 -22.37 -6.87 -16.44
C ALA A 212 -21.89 -7.66 -15.23
N THR A 213 -21.79 -8.97 -15.35
CA THR A 213 -21.38 -9.91 -14.30
C THR A 213 -19.87 -9.97 -14.04
N VAL A 214 -19.06 -9.18 -14.77
CA VAL A 214 -17.59 -9.18 -14.60
C VAL A 214 -17.22 -8.16 -13.53
N LEU A 215 -16.89 -8.67 -12.34
CA LEU A 215 -16.66 -7.85 -11.14
C LEU A 215 -15.36 -7.04 -11.24
N TYR A 216 -15.43 -5.82 -10.72
CA TYR A 216 -14.34 -4.86 -10.60
C TYR A 216 -13.14 -5.41 -9.85
N GLY A 217 -12.03 -5.53 -10.57
CA GLY A 217 -10.72 -5.85 -10.01
C GLY A 217 -10.37 -7.33 -9.84
N ILE A 218 -11.29 -8.29 -10.04
CA ILE A 218 -10.98 -9.73 -9.90
C ILE A 218 -10.35 -10.24 -11.20
N ASN A 219 -9.06 -9.98 -11.37
CA ASN A 219 -8.35 -10.30 -12.60
C ASN A 219 -8.15 -11.82 -12.79
N PRO A 220 -8.47 -12.41 -13.95
CA PRO A 220 -8.29 -13.84 -14.19
C PRO A 220 -6.83 -14.31 -14.12
N ALA A 221 -5.86 -13.52 -14.58
CA ALA A 221 -4.44 -13.90 -14.51
C ALA A 221 -3.92 -14.04 -13.08
N ASN A 222 -4.59 -13.47 -12.08
CA ASN A 222 -4.28 -13.64 -10.67
C ASN A 222 -4.93 -14.88 -10.01
N THR A 223 -5.57 -15.78 -10.77
CA THR A 223 -6.35 -16.88 -10.17
C THR A 223 -5.47 -17.94 -9.49
N MET A 224 -4.23 -18.14 -9.94
CA MET A 224 -3.18 -18.96 -9.29
C MET A 224 -3.56 -20.40 -8.89
N GLY A 225 -4.60 -20.98 -9.52
CA GLY A 225 -5.13 -22.31 -9.21
C GLY A 225 -5.67 -22.48 -7.79
N ASN A 226 -5.85 -23.74 -7.39
CA ASN A 226 -6.29 -24.13 -6.06
C ASN A 226 -5.60 -25.41 -5.60
N LEU A 227 -5.42 -25.53 -4.29
CA LEU A 227 -4.99 -26.78 -3.67
C LEU A 227 -6.24 -27.55 -3.25
N CYS A 228 -6.33 -28.80 -3.68
CA CYS A 228 -7.45 -29.67 -3.44
C CYS A 228 -7.01 -30.84 -2.59
N LEU A 229 -7.78 -31.18 -1.56
CA LEU A 229 -7.39 -32.22 -0.62
C LEU A 229 -8.58 -33.05 -0.15
N ARG A 230 -8.32 -34.34 0.05
CA ARG A 230 -9.25 -35.34 0.60
C ARG A 230 -8.53 -36.39 1.42
N VAL A 231 -9.23 -36.98 2.39
CA VAL A 231 -8.86 -38.27 2.99
C VAL A 231 -9.13 -39.38 2.00
N VAL A 232 -8.17 -40.27 1.74
CA VAL A 232 -8.34 -41.33 0.73
C VAL A 232 -8.93 -42.61 1.35
N ASN A 233 -8.67 -42.87 2.63
CA ASN A 233 -9.11 -44.06 3.37
C ASN A 233 -10.41 -43.89 4.19
N SER A 234 -11.30 -42.99 3.82
CA SER A 234 -12.42 -42.53 4.67
C SER A 234 -13.53 -43.54 5.03
N TYR A 235 -13.37 -44.85 4.78
CA TYR A 235 -14.38 -45.88 5.13
C TYR A 235 -14.48 -46.14 6.65
N GLN A 236 -13.63 -45.51 7.45
CA GLN A 236 -13.35 -45.91 8.83
C GLN A 236 -14.58 -45.88 9.74
N PRO A 237 -14.82 -46.92 10.55
CA PRO A 237 -15.84 -46.91 11.60
C PRO A 237 -15.63 -45.81 12.65
N VAL A 238 -14.38 -45.58 13.07
CA VAL A 238 -14.03 -44.60 14.10
C VAL A 238 -14.39 -43.18 13.67
N GLN A 239 -14.84 -42.36 14.63
CA GLN A 239 -15.48 -41.07 14.40
C GLN A 239 -14.59 -39.91 14.86
N TYR A 240 -14.37 -38.92 14.01
CA TYR A 240 -13.33 -37.90 14.23
C TYR A 240 -13.50 -36.69 13.30
N THR A 241 -12.77 -35.62 13.58
CA THR A 241 -12.55 -34.49 12.66
C THR A 241 -11.10 -34.42 12.22
N LEU A 242 -10.87 -34.30 10.91
CA LEU A 242 -9.61 -33.82 10.36
C LEU A 242 -9.64 -32.30 10.41
N THR A 243 -8.68 -31.71 11.08
CA THR A 243 -8.28 -30.31 10.85
C THR A 243 -7.18 -30.30 9.80
N VAL A 244 -7.17 -29.31 8.91
CA VAL A 244 -6.01 -29.02 8.07
C VAL A 244 -5.57 -27.59 8.25
N ARG A 245 -4.25 -27.39 8.24
CA ARG A 245 -3.60 -26.10 8.27
C ARG A 245 -2.66 -26.05 7.08
N VAL A 246 -2.73 -24.97 6.31
CA VAL A 246 -1.91 -24.81 5.11
C VAL A 246 -1.01 -23.60 5.24
N TYR A 247 0.29 -23.80 5.12
CA TYR A 247 1.30 -22.77 5.30
C TYR A 247 1.97 -22.44 3.99
N MET A 248 1.89 -21.20 3.52
CA MET A 248 2.56 -20.80 2.29
C MET A 248 3.78 -19.99 2.64
N LYS A 249 4.94 -20.42 2.19
CA LYS A 249 6.17 -19.62 2.22
C LYS A 249 6.39 -19.08 0.81
N PRO A 250 5.86 -17.90 0.46
CA PRO A 250 6.26 -17.27 -0.78
C PRO A 250 7.77 -17.10 -0.73
N LYS A 251 8.47 -17.44 -1.80
CA LYS A 251 9.90 -17.67 -1.77
C LYS A 251 10.57 -17.09 -3.00
N HIS A 252 11.80 -16.60 -2.83
CA HIS A 252 12.63 -16.05 -3.91
C HIS A 252 11.96 -14.84 -4.56
N ILE A 253 11.33 -14.00 -3.73
CA ILE A 253 10.45 -12.91 -4.12
C ILE A 253 11.21 -11.76 -4.78
N LYS A 254 10.73 -11.33 -5.94
CA LYS A 254 11.08 -10.05 -6.57
C LYS A 254 9.86 -9.13 -6.49
N ALA A 255 10.00 -7.87 -6.09
CA ALA A 255 8.84 -7.00 -5.87
C ALA A 255 8.97 -5.63 -6.52
N TRP A 256 7.82 -5.02 -6.82
CA TRP A 256 7.76 -3.75 -7.53
C TRP A 256 6.63 -2.87 -7.00
N ALA A 257 6.84 -1.57 -7.11
CA ALA A 257 5.92 -0.50 -6.82
C ALA A 257 5.33 -0.60 -5.41
N PRO A 258 6.06 -0.16 -4.38
CA PRO A 258 5.55 -0.12 -3.01
C PRO A 258 4.31 0.77 -2.89
N ARG A 259 3.57 0.58 -1.81
CA ARG A 259 2.28 1.24 -1.58
C ARG A 259 2.22 1.92 -0.23
N ALA A 260 1.37 2.91 -0.10
CA ALA A 260 1.02 3.46 1.19
C ALA A 260 0.35 2.35 2.04
N PRO A 261 0.66 2.20 3.34
CA PRO A 261 0.15 1.09 4.13
C PRO A 261 -1.37 1.05 4.26
N ARG A 262 -1.96 -0.13 4.19
CA ARG A 262 -3.40 -0.30 4.44
C ARG A 262 -3.70 -0.20 5.93
N THR A 263 -4.28 0.92 6.34
CA THR A 263 -4.49 1.33 7.74
C THR A 263 -5.94 1.14 8.20
N MET A 264 -6.64 0.15 7.68
CA MET A 264 -8.08 0.00 7.92
C MET A 264 -8.53 -1.46 7.85
N PRO A 265 -9.38 -1.95 8.77
CA PRO A 265 -9.93 -3.31 8.75
C PRO A 265 -10.55 -3.76 7.43
N TYR A 266 -10.54 -5.06 7.16
CA TYR A 266 -10.90 -5.69 5.89
C TYR A 266 -12.27 -6.36 5.97
N THR A 267 -13.25 -5.91 5.20
CA THR A 267 -14.60 -6.48 5.22
C THR A 267 -14.73 -7.82 4.52
N ASN A 268 -13.89 -8.11 3.53
CA ASN A 268 -14.11 -9.23 2.60
C ASN A 268 -12.81 -9.69 1.93
N ILE A 269 -12.85 -10.85 1.31
CA ILE A 269 -11.71 -11.52 0.69
C ILE A 269 -11.49 -11.15 -0.79
N LEU A 270 -12.27 -10.24 -1.38
CA LEU A 270 -12.18 -9.80 -2.77
C LEU A 270 -11.69 -8.35 -2.94
N ASN A 271 -12.50 -7.36 -2.61
CA ASN A 271 -12.12 -5.95 -2.69
C ASN A 271 -11.63 -5.43 -1.32
N ASN A 272 -11.42 -4.13 -1.20
CA ASN A 272 -10.75 -3.47 -0.09
C ASN A 272 -11.68 -2.68 0.86
N ASN A 273 -13.01 -2.75 0.75
CA ASN A 273 -13.89 -1.85 1.50
C ASN A 273 -13.85 -2.01 3.03
N TYR A 274 -14.45 -1.04 3.73
CA TYR A 274 -14.34 -0.82 5.17
C TYR A 274 -15.58 -0.09 5.72
N ALA A 275 -15.76 -0.08 7.04
CA ALA A 275 -16.87 0.60 7.70
C ALA A 275 -16.47 1.10 9.10
N ALA A 283 -8.50 2.80 12.00
CA ALA A 283 -9.80 3.23 12.50
C ALA A 283 -10.53 4.17 11.50
N PRO A 284 -11.87 4.35 11.60
CA PRO A 284 -12.68 4.85 10.49
C PRO A 284 -12.42 6.28 10.00
N THR A 285 -12.08 7.22 10.87
CA THR A 285 -11.99 8.65 10.50
C THR A 285 -10.82 9.41 11.16
N ALA A 286 -9.96 8.71 11.91
CA ALA A 286 -8.83 9.27 12.64
C ALA A 286 -7.85 8.15 12.97
N ILE A 287 -6.74 8.03 12.23
CA ILE A 287 -5.94 6.80 12.25
C ILE A 287 -5.11 6.67 13.52
N VAL A 288 -4.77 7.76 14.22
CA VAL A 288 -3.90 7.75 15.42
C VAL A 288 -4.53 8.42 16.64
N SER A 289 -4.11 8.00 17.83
CA SER A 289 -4.65 8.50 19.11
C SER A 289 -4.12 9.89 19.49
N HIS A 290 -4.82 10.54 20.41
CA HIS A 290 -4.72 11.98 20.68
C HIS A 290 -3.46 12.39 21.46
N ALA B 34 12.65 9.81 -8.46
CA ALA B 34 11.46 9.41 -9.25
C ALA B 34 11.73 8.12 -10.04
N TYR B 35 10.74 7.60 -10.79
CA TYR B 35 10.82 6.28 -11.44
C TYR B 35 11.89 6.17 -12.55
N GLY B 36 12.43 7.28 -13.03
CA GLY B 36 13.70 7.32 -13.79
C GLY B 36 13.64 6.84 -15.24
N GLU B 37 12.48 6.43 -15.73
CA GLU B 37 12.28 6.16 -17.16
C GLU B 37 12.07 7.46 -17.94
N TRP B 38 12.64 7.55 -19.14
CA TRP B 38 12.06 8.43 -20.18
C TRP B 38 10.72 7.81 -20.61
N PRO B 39 9.69 8.60 -20.95
CA PRO B 39 8.43 8.03 -21.42
C PRO B 39 8.68 7.15 -22.66
N THR B 40 8.34 5.86 -22.56
CA THR B 40 8.75 4.84 -23.54
C THR B 40 7.74 3.70 -23.68
N TYR B 41 7.69 3.09 -24.86
CA TYR B 41 6.91 1.90 -25.23
C TYR B 41 7.78 0.62 -25.26
N LEU B 42 7.28 -0.44 -25.92
CA LEU B 42 8.02 -1.67 -26.25
C LEU B 42 7.49 -2.30 -27.54
N ARG B 62 1.77 15.62 -28.82
CA ARG B 62 0.37 16.06 -28.79
C ARG B 62 -0.22 15.89 -27.39
N PHE B 63 -0.56 16.99 -26.74
CA PHE B 63 -1.23 17.00 -25.45
C PHE B 63 -2.75 17.09 -25.60
N TYR B 64 -3.45 16.62 -24.58
CA TYR B 64 -4.87 16.84 -24.36
C TYR B 64 -5.05 17.66 -23.09
N THR B 65 -5.95 18.64 -23.11
CA THR B 65 -6.17 19.57 -22.00
C THR B 65 -7.59 19.50 -21.51
N LEU B 66 -7.77 18.88 -20.34
CA LEU B 66 -9.07 18.71 -19.70
C LEU B 66 -9.64 20.07 -19.28
N LYS B 67 -10.96 20.19 -19.23
CA LYS B 67 -11.59 21.42 -18.75
C LYS B 67 -11.23 21.68 -17.29
N SER B 68 -10.97 22.94 -16.95
CA SER B 68 -10.41 23.31 -15.65
C SER B 68 -11.36 23.01 -14.50
N LYS B 69 -10.89 22.33 -13.45
CA LYS B 69 -11.72 22.05 -12.27
C LYS B 69 -11.75 23.24 -11.32
N LYS B 70 -12.95 23.68 -10.96
CA LYS B 70 -13.21 24.83 -10.08
C LYS B 70 -13.01 24.43 -8.62
N TRP B 71 -11.77 24.51 -8.15
CA TRP B 71 -11.40 24.31 -6.76
C TRP B 71 -12.09 25.34 -5.86
N GLU B 72 -12.28 25.03 -4.58
CA GLU B 72 -12.85 25.89 -3.54
C GLU B 72 -12.17 25.54 -2.21
N SER B 73 -12.24 26.43 -1.22
CA SER B 73 -11.72 26.19 0.13
C SER B 73 -12.21 24.89 0.78
N ASN B 74 -13.37 24.36 0.39
CA ASN B 74 -13.93 23.15 0.96
C ASN B 74 -13.61 21.88 0.16
N SER B 75 -13.07 21.97 -1.05
CA SER B 75 -13.04 20.83 -1.98
C SER B 75 -12.25 19.63 -1.46
N THR B 76 -12.76 18.42 -1.64
CA THR B 76 -12.10 17.21 -1.15
C THR B 76 -10.93 16.75 -2.03
N GLY B 77 -11.10 16.78 -3.35
CA GLY B 77 -10.08 16.40 -4.33
C GLY B 77 -10.64 15.59 -5.50
N TRP B 78 -9.84 15.46 -6.56
CA TRP B 78 -10.23 14.89 -7.85
C TRP B 78 -9.24 13.85 -8.33
N TRP B 79 -9.70 12.92 -9.17
CA TRP B 79 -8.87 11.91 -9.81
C TRP B 79 -9.29 11.63 -11.25
N TRP B 80 -8.36 11.10 -12.04
CA TRP B 80 -8.56 10.58 -13.39
C TRP B 80 -7.82 9.27 -13.60
N LYS B 81 -8.40 8.38 -14.41
CA LYS B 81 -7.84 7.06 -14.68
C LYS B 81 -7.35 7.01 -16.12
N LEU B 82 -6.16 6.47 -16.31
CA LEU B 82 -5.50 6.38 -17.61
C LEU B 82 -5.44 4.90 -18.05
N PRO B 83 -5.90 4.53 -19.26
CA PRO B 83 -6.20 5.40 -20.39
C PRO B 83 -7.57 6.09 -20.37
N ASP B 84 -8.49 5.84 -19.44
CA ASP B 84 -9.89 6.30 -19.58
C ASP B 84 -10.02 7.79 -19.96
N ALA B 85 -9.20 8.65 -19.38
CA ALA B 85 -9.14 10.08 -19.69
C ALA B 85 -8.80 10.41 -21.16
N LEU B 86 -8.04 9.60 -21.89
CA LEU B 86 -7.76 9.78 -23.32
C LEU B 86 -9.04 9.62 -24.18
N ASN B 87 -10.07 8.96 -23.64
CA ASN B 87 -11.37 8.82 -24.25
C ASN B 87 -12.46 9.08 -23.20
N TYR B 102 -2.17 -0.04 -26.66
CA TYR B 102 -1.84 1.31 -26.18
C TYR B 102 -0.66 1.31 -25.18
N ARG B 103 0.36 0.48 -25.40
CA ARG B 103 1.61 0.47 -24.62
C ARG B 103 2.28 1.84 -24.72
N SER B 104 2.40 2.54 -23.60
CA SER B 104 2.62 3.98 -23.58
C SER B 104 3.34 4.50 -22.33
N GLY B 105 4.02 5.64 -22.47
CA GLY B 105 4.61 6.43 -21.39
C GLY B 105 3.84 7.73 -21.18
N PHE B 106 2.70 7.66 -20.51
CA PHE B 106 1.92 8.85 -20.16
C PHE B 106 2.76 9.87 -19.40
N LEU B 107 2.55 11.15 -19.63
CA LEU B 107 3.06 12.20 -18.76
C LEU B 107 1.99 13.25 -18.55
N CYS B 108 1.98 13.78 -17.34
CA CYS B 108 0.89 14.57 -16.81
C CYS B 108 1.45 15.84 -16.24
N HIS B 109 0.82 16.96 -16.57
CA HIS B 109 1.39 18.29 -16.46
C HIS B 109 0.25 19.15 -15.97
N VAL B 110 0.26 19.53 -14.70
CA VAL B 110 -0.88 20.16 -14.05
C VAL B 110 -0.45 21.47 -13.42
N GLN B 111 -1.28 22.49 -13.55
CA GLN B 111 -0.96 23.82 -13.04
C GLN B 111 -2.19 24.55 -12.54
N CYS B 112 -1.98 25.48 -11.62
CA CYS B 112 -3.04 26.31 -11.07
C CYS B 112 -3.08 27.65 -11.79
N ASN B 113 -4.28 28.12 -12.04
CA ASN B 113 -4.61 29.46 -12.51
C ASN B 113 -4.76 30.42 -11.32
N ALA B 114 -3.81 30.38 -10.38
CA ALA B 114 -3.91 31.07 -9.09
C ALA B 114 -3.07 32.35 -9.04
N THR B 115 -3.74 33.46 -8.77
CA THR B 115 -3.13 34.79 -8.64
C THR B 115 -2.45 34.94 -7.28
N LYS B 116 -1.45 35.82 -7.18
CA LYS B 116 -0.40 35.75 -6.15
C LYS B 116 -0.87 35.96 -4.69
N PHE B 117 -2.02 36.58 -4.48
CA PHE B 117 -2.63 36.66 -3.15
C PHE B 117 -3.04 35.30 -2.61
N HIS B 118 -3.32 34.31 -3.46
CA HIS B 118 -3.94 33.06 -3.01
C HIS B 118 -3.01 32.13 -2.25
N GLN B 119 -3.64 31.32 -1.42
CA GLN B 119 -3.07 30.54 -0.34
C GLN B 119 -3.72 29.16 -0.37
N GLY B 120 -3.10 28.15 0.22
CA GLY B 120 -3.52 26.76 0.06
C GLY B 120 -2.53 25.97 -0.78
N THR B 121 -2.67 24.65 -0.86
CA THR B 121 -1.65 23.77 -1.46
C THR B 121 -2.24 22.43 -1.86
N LEU B 122 -1.78 21.87 -2.99
CA LEU B 122 -2.23 20.60 -3.53
C LEU B 122 -1.10 19.58 -3.55
N LEU B 123 -1.45 18.36 -3.19
CA LEU B 123 -0.65 17.17 -3.36
C LEU B 123 -1.10 16.50 -4.65
N ILE B 124 -0.16 16.30 -5.57
CA ILE B 124 -0.37 15.66 -6.88
C ILE B 124 0.32 14.32 -6.80
N VAL B 125 -0.42 13.25 -7.09
CA VAL B 125 0.08 11.89 -6.94
C VAL B 125 -0.40 11.06 -8.10
N ALA B 126 0.44 10.16 -8.59
CA ALA B 126 0.01 9.13 -9.51
C ALA B 126 0.15 7.76 -8.87
N ILE B 127 -0.95 7.04 -8.68
CA ILE B 127 -0.96 5.74 -7.98
C ILE B 127 -1.16 4.61 -8.98
N PRO B 128 -0.34 3.55 -8.95
CA PRO B 128 -0.53 2.42 -9.85
C PRO B 128 -1.65 1.52 -9.34
N GLU B 129 -2.49 1.00 -10.22
CA GLU B 129 -3.53 -0.01 -9.92
C GLU B 129 -4.46 0.38 -8.75
N HIS B 130 -4.82 1.65 -8.67
CA HIS B 130 -5.59 2.22 -7.56
C HIS B 130 -7.06 1.78 -7.56
N GLN B 131 -7.33 0.62 -6.97
CA GLN B 131 -8.69 0.17 -6.64
C GLN B 131 -9.33 1.12 -5.62
N ILE B 132 -10.09 2.10 -6.10
CA ILE B 132 -11.01 2.91 -5.31
C ILE B 132 -11.91 1.99 -4.47
N GLY B 133 -11.82 2.08 -3.14
CA GLY B 133 -12.75 1.43 -2.21
C GLY B 133 -13.93 2.32 -1.86
N LYS B 134 -14.83 1.84 -1.02
CA LYS B 134 -15.94 2.63 -0.46
C LYS B 134 -16.27 2.28 0.99
N LYS B 135 -16.82 3.24 1.72
CA LYS B 135 -17.35 3.04 3.07
C LYS B 135 -18.60 2.17 3.06
N GLY B 136 -18.86 1.44 4.15
CA GLY B 136 -20.20 1.00 4.54
C GLY B 136 -20.85 -0.12 3.70
N THR B 137 -20.11 -0.78 2.82
CA THR B 137 -20.58 -2.02 2.17
C THR B 137 -19.43 -2.87 1.70
N GLY B 138 -19.59 -4.19 1.68
CA GLY B 138 -18.68 -5.09 0.95
C GLY B 138 -18.83 -4.98 -0.57
N THR B 139 -19.82 -4.26 -1.10
CA THR B 139 -20.13 -4.24 -2.53
C THR B 139 -19.05 -3.53 -3.35
N SER B 140 -18.57 -4.19 -4.40
CA SER B 140 -17.60 -3.64 -5.35
C SER B 140 -18.16 -2.48 -6.17
N ALA B 141 -17.30 -1.57 -6.63
CA ALA B 141 -17.67 -0.43 -7.47
C ALA B 141 -18.34 -0.84 -8.80
N SER B 142 -19.34 -0.09 -9.22
CA SER B 142 -20.00 -0.22 -10.53
C SER B 142 -19.17 0.37 -11.67
N PHE B 143 -19.62 0.20 -12.92
CA PHE B 143 -19.11 0.88 -14.10
C PHE B 143 -18.94 2.38 -13.86
N ALA B 144 -20.04 3.07 -13.59
CA ALA B 144 -20.11 4.53 -13.56
C ALA B 144 -19.31 5.16 -12.42
N GLU B 145 -19.02 4.40 -11.36
CA GLU B 145 -18.20 4.87 -10.25
C GLU B 145 -16.70 4.90 -10.62
N VAL B 146 -16.22 3.95 -11.43
CA VAL B 146 -14.79 3.84 -11.78
C VAL B 146 -14.48 4.45 -13.15
N MET B 147 -15.35 4.28 -14.15
CA MET B 147 -15.22 4.94 -15.45
C MET B 147 -15.66 6.40 -15.31
N LYS B 148 -14.80 7.35 -15.66
CA LYS B 148 -15.15 8.79 -15.62
C LYS B 148 -14.59 9.61 -16.79
N GLY B 149 -13.89 9.00 -17.74
CA GLY B 149 -13.36 9.71 -18.88
C GLY B 149 -12.46 10.86 -18.46
N ALA B 150 -12.48 11.96 -19.22
CA ALA B 150 -11.87 13.21 -18.82
C ALA B 150 -12.67 13.97 -17.75
N GLU B 151 -13.96 13.67 -17.55
CA GLU B 151 -14.77 14.34 -16.53
C GLU B 151 -14.24 14.09 -15.12
N GLY B 152 -13.61 12.94 -14.87
CA GLY B 152 -12.97 12.64 -13.58
C GLY B 152 -13.93 12.36 -12.45
N GLY B 153 -13.40 11.92 -11.31
CA GLY B 153 -14.18 11.61 -10.12
C GLY B 153 -13.67 12.36 -8.89
N VAL B 154 -14.53 12.51 -7.90
CA VAL B 154 -14.22 13.10 -6.61
C VAL B 154 -13.62 12.05 -5.66
N PHE B 155 -12.80 12.47 -4.72
CA PHE B 155 -12.49 11.66 -3.54
C PHE B 155 -13.60 11.81 -2.51
N GLU B 156 -14.37 10.75 -2.29
CA GLU B 156 -15.36 10.74 -1.22
C GLU B 156 -14.69 10.78 0.15
N GLN B 157 -13.49 10.20 0.32
CA GLN B 157 -12.72 10.30 1.54
C GLN B 157 -11.19 10.42 1.27
N PRO B 158 -10.69 11.64 1.01
CA PRO B 158 -9.28 11.90 0.72
C PRO B 158 -8.33 11.35 1.76
N TYR B 159 -8.67 11.44 3.04
CA TYR B 159 -7.81 10.99 4.14
C TYR B 159 -7.52 9.49 4.08
N LEU B 160 -8.47 8.69 3.60
CA LEU B 160 -8.26 7.28 3.34
C LEU B 160 -7.78 7.00 1.92
N LEU B 161 -7.54 8.04 1.12
CA LEU B 161 -7.20 7.96 -0.30
C LEU B 161 -8.20 7.06 -1.07
N ASP B 162 -9.42 6.93 -0.55
CA ASP B 162 -10.42 5.89 -0.77
C ASP B 162 -9.97 4.42 -0.62
N ASP B 163 -8.68 4.08 -0.63
CA ASP B 163 -8.13 2.71 -0.55
C ASP B 163 -7.95 2.23 0.92
N GLY B 164 -8.54 2.92 1.89
CA GLY B 164 -8.31 2.64 3.32
C GLY B 164 -6.86 2.84 3.74
N THR B 165 -6.12 3.68 3.03
CA THR B 165 -4.70 3.97 3.27
C THR B 165 -4.49 5.44 3.50
N SER B 166 -3.58 5.79 4.40
CA SER B 166 -3.43 7.18 4.80
C SER B 166 -2.92 8.05 3.66
N LEU B 167 -3.66 9.12 3.36
CA LEU B 167 -3.20 10.27 2.56
C LEU B 167 -1.77 10.66 2.94
N ALA B 168 -1.50 10.72 4.24
CA ALA B 168 -0.19 11.01 4.79
C ALA B 168 0.95 10.14 4.25
N CYS B 169 0.68 8.88 3.90
CA CYS B 169 1.67 7.97 3.32
C CYS B 169 1.64 7.91 1.79
N ALA B 170 0.74 8.63 1.12
CA ALA B 170 0.62 8.55 -0.33
C ALA B 170 1.88 8.99 -1.06
N LEU B 171 2.79 9.69 -0.39
CA LEU B 171 4.11 10.06 -0.90
C LEU B 171 5.01 8.85 -1.29
N VAL B 172 4.67 7.62 -0.93
CA VAL B 172 5.38 6.45 -1.46
C VAL B 172 5.18 6.30 -2.95
N TYR B 173 3.98 6.63 -3.45
CA TYR B 173 3.73 6.76 -4.87
C TYR B 173 4.41 8.04 -5.40
N PRO B 174 4.78 8.12 -6.69
CA PRO B 174 5.41 9.30 -7.24
C PRO B 174 4.52 10.52 -7.05
N HIS B 175 5.02 11.49 -6.31
CA HIS B 175 4.25 12.64 -5.82
C HIS B 175 4.96 13.94 -6.13
N GLN B 176 4.20 15.00 -6.35
CA GLN B 176 4.70 16.35 -6.53
C GLN B 176 3.78 17.33 -5.82
N TRP B 177 4.34 18.45 -5.36
CA TRP B 177 3.58 19.47 -4.66
C TRP B 177 3.37 20.72 -5.51
N ILE B 178 2.14 21.18 -5.55
CA ILE B 178 1.79 22.55 -5.90
C ILE B 178 1.65 23.31 -4.59
N ASN B 179 2.67 24.05 -4.19
CA ASN B 179 2.55 25.01 -3.11
C ASN B 179 2.60 26.42 -3.71
N LEU B 180 1.56 27.21 -3.49
CA LEU B 180 1.36 28.46 -4.20
C LEU B 180 2.38 29.56 -3.88
N ARG B 181 3.23 29.38 -2.86
CA ARG B 181 4.40 30.24 -2.71
C ARG B 181 5.45 29.84 -3.74
N THR B 182 5.86 28.58 -3.74
CA THR B 182 7.04 28.13 -4.47
C THR B 182 6.78 27.90 -5.95
N ASN B 183 5.64 27.32 -6.31
CA ASN B 183 5.34 26.93 -7.68
C ASN B 183 3.85 26.64 -7.84
N ASN B 184 3.23 27.17 -8.89
CA ASN B 184 1.87 26.85 -9.31
C ASN B 184 1.81 25.72 -10.36
N SER B 185 2.89 24.99 -10.62
CA SER B 185 2.95 23.97 -11.68
C SER B 185 3.75 22.74 -11.24
N ALA B 186 3.37 21.54 -11.70
CA ALA B 186 4.02 20.27 -11.42
C ALA B 186 3.81 19.26 -12.54
N THR B 187 4.80 18.41 -12.80
CA THR B 187 4.78 17.44 -13.91
C THR B 187 5.38 16.10 -13.51
N ILE B 188 4.78 15.01 -14.00
CA ILE B 188 5.13 13.63 -13.65
C ILE B 188 5.21 12.76 -14.91
N VAL B 189 6.17 11.84 -14.98
CA VAL B 189 6.22 10.81 -16.03
C VAL B 189 5.71 9.49 -15.46
N LEU B 190 4.75 8.87 -16.14
CA LEU B 190 4.09 7.62 -15.79
C LEU B 190 4.41 6.53 -16.83
N PRO B 191 5.57 5.88 -16.72
CA PRO B 191 5.92 4.78 -17.61
C PRO B 191 4.96 3.63 -17.43
N TRP B 192 4.89 2.76 -18.43
CA TRP B 192 4.02 1.60 -18.43
C TRP B 192 4.33 0.60 -17.31
N MET B 193 3.38 0.32 -16.42
CA MET B 193 3.56 -0.63 -15.31
C MET B 193 2.85 -1.97 -15.51
N ASN B 194 2.02 -2.12 -16.55
CA ASN B 194 1.20 -3.32 -16.69
C ASN B 194 2.07 -4.58 -16.85
N SER B 195 1.70 -5.64 -16.12
CA SER B 195 2.32 -6.95 -16.16
C SER B 195 1.97 -7.78 -17.41
N ALA B 196 1.16 -7.24 -18.31
CA ALA B 196 1.01 -7.65 -19.72
C ALA B 196 1.61 -6.57 -20.63
N PRO B 197 2.17 -6.91 -21.80
CA PRO B 197 3.11 -6.01 -22.48
C PRO B 197 2.47 -4.83 -23.20
N MET B 198 1.23 -4.97 -23.67
CA MET B 198 0.45 -3.96 -24.37
C MET B 198 -1.04 -4.26 -24.16
N ASP B 199 -1.63 -3.63 -23.15
CA ASP B 199 -3.08 -3.73 -22.97
C ASP B 199 -3.77 -3.06 -24.18
N PHE B 200 -4.91 -3.60 -24.57
CA PHE B 200 -5.54 -3.29 -25.88
C PHE B 200 -7.06 -3.09 -25.77
N ALA B 201 -7.67 -3.64 -24.72
CA ALA B 201 -9.08 -3.48 -24.39
C ALA B 201 -9.35 -2.17 -23.62
N LEU B 202 -10.60 -1.70 -23.67
CA LEU B 202 -11.06 -0.46 -23.04
C LEU B 202 -11.28 -0.53 -21.51
N ARG B 203 -10.91 -1.63 -20.82
CA ARG B 203 -11.55 -2.08 -19.55
C ARG B 203 -10.62 -2.23 -18.32
N HIS B 204 -9.57 -1.42 -18.22
CA HIS B 204 -8.56 -1.41 -17.13
C HIS B 204 -7.86 -0.04 -17.10
N ASN B 205 -7.29 0.42 -15.98
CA ASN B 205 -6.56 1.68 -15.93
C ASN B 205 -5.29 1.60 -15.07
N ASN B 206 -4.14 1.43 -15.73
CA ASN B 206 -2.90 1.09 -15.07
C ASN B 206 -2.47 2.14 -14.02
N TRP B 207 -2.66 3.42 -14.33
CA TRP B 207 -2.35 4.54 -13.43
C TRP B 207 -3.60 5.33 -13.08
N THR B 208 -3.66 5.87 -11.88
CA THR B 208 -4.62 6.94 -11.54
C THR B 208 -3.86 8.20 -11.16
N LEU B 209 -4.09 9.29 -11.87
CA LEU B 209 -3.66 10.61 -11.46
C LEU B 209 -4.68 11.10 -10.43
N ALA B 210 -4.21 11.51 -9.27
CA ALA B 210 -4.98 12.05 -8.16
C ALA B 210 -4.43 13.42 -7.76
N VAL B 211 -5.31 14.34 -7.37
CA VAL B 211 -4.93 15.65 -6.87
C VAL B 211 -5.81 16.06 -5.69
N ILE B 212 -5.17 16.40 -4.57
CA ILE B 212 -5.84 16.58 -3.27
C ILE B 212 -5.42 17.87 -2.59
N PRO B 213 -6.35 18.72 -2.13
CA PRO B 213 -6.07 19.88 -1.30
C PRO B 213 -5.63 19.48 0.11
N VAL B 214 -4.32 19.33 0.28
CA VAL B 214 -3.73 19.17 1.60
C VAL B 214 -4.05 20.36 2.51
N CYS B 215 -3.99 21.60 2.00
CA CYS B 215 -4.38 22.79 2.77
C CYS B 215 -5.36 23.66 2.00
N PRO B 216 -6.41 24.17 2.65
CA PRO B 216 -7.56 24.69 1.97
C PRO B 216 -7.20 25.97 1.25
N LEU B 217 -7.80 26.15 0.07
CA LEU B 217 -7.67 27.37 -0.71
C LEU B 217 -8.10 28.59 0.12
N ALA B 218 -7.40 29.71 -0.01
CA ALA B 218 -7.70 30.93 0.71
C ALA B 218 -7.11 32.19 0.05
N GLY B 219 -7.44 33.35 0.59
CA GLY B 219 -7.11 34.67 0.02
C GLY B 219 -8.14 35.16 -1.00
N GLY B 220 -8.07 36.45 -1.31
CA GLY B 220 -9.10 37.19 -2.03
C GLY B 220 -10.28 37.60 -1.15
N THR B 221 -11.24 38.27 -1.75
CA THR B 221 -12.49 38.76 -1.11
C THR B 221 -13.66 38.77 -2.11
N GLY B 222 -14.90 38.68 -1.63
CA GLY B 222 -16.12 38.98 -2.40
C GLY B 222 -16.24 38.33 -3.79
N ASN B 223 -16.22 39.17 -4.83
CA ASN B 223 -16.43 38.79 -6.23
C ASN B 223 -15.45 37.74 -6.75
N THR B 224 -14.27 37.64 -6.13
CA THR B 224 -13.24 36.65 -6.52
C THR B 224 -13.69 35.19 -6.30
N ASN B 225 -14.69 34.97 -5.44
CA ASN B 225 -15.52 33.76 -5.28
C ASN B 225 -14.78 32.41 -5.16
N THR B 226 -13.47 32.44 -4.87
CA THR B 226 -12.63 31.29 -4.51
C THR B 226 -12.65 30.12 -5.50
N TYR B 227 -13.02 30.33 -6.76
CA TYR B 227 -13.11 29.27 -7.77
C TYR B 227 -11.77 28.88 -8.41
N VAL B 228 -10.66 29.36 -7.85
CA VAL B 228 -9.30 29.38 -8.40
C VAL B 228 -8.91 28.11 -9.20
N PRO B 229 -9.03 28.10 -10.53
CA PRO B 229 -9.08 26.84 -11.26
C PRO B 229 -7.79 26.05 -11.27
N ILE B 230 -7.91 24.73 -11.39
CA ILE B 230 -6.82 23.82 -11.72
C ILE B 230 -6.94 23.48 -13.19
N THR B 231 -5.86 23.58 -13.96
CA THR B 231 -5.83 23.07 -15.32
C THR B 231 -4.91 21.86 -15.41
N ILE B 232 -5.42 20.75 -15.93
CA ILE B 232 -4.75 19.46 -16.08
C ILE B 232 -4.41 19.24 -17.54
N SER B 233 -3.22 18.73 -17.84
CA SER B 233 -2.84 18.35 -19.18
C SER B 233 -2.15 16.98 -19.19
N ILE B 234 -2.35 16.22 -20.25
CA ILE B 234 -1.93 14.81 -20.39
C ILE B 234 -1.37 14.60 -21.80
N ALA B 235 -0.24 13.91 -21.93
CA ALA B 235 0.20 13.34 -23.21
C ALA B 235 0.57 11.86 -23.04
N PRO B 236 0.02 10.94 -23.85
CA PRO B 236 0.43 9.54 -23.94
C PRO B 236 1.80 9.36 -24.60
N MET B 237 2.84 10.03 -24.13
CA MET B 237 4.10 10.10 -24.87
C MET B 237 4.72 8.73 -25.08
N CYS B 238 5.26 8.52 -26.28
CA CYS B 238 5.68 7.21 -26.78
C CYS B 238 4.58 6.16 -26.56
N ALA B 239 3.43 6.30 -27.22
CA ALA B 239 2.36 5.31 -27.26
C ALA B 239 2.39 4.53 -28.59
N GLU B 240 2.36 3.20 -28.49
CA GLU B 240 2.32 2.27 -29.61
C GLU B 240 1.25 1.19 -29.45
N TYR B 241 0.82 0.66 -30.60
CA TYR B 241 -0.43 -0.09 -30.78
C TYR B 241 -0.16 -1.32 -31.66
N VAL C 2 22.16 -44.96 -2.15
CA VAL C 2 21.81 -44.27 -0.88
C VAL C 2 20.89 -45.15 -0.05
N PRO C 3 20.95 -45.09 1.30
CA PRO C 3 20.07 -45.85 2.19
C PRO C 3 18.56 -45.65 1.98
N THR C 4 18.15 -44.51 1.42
CA THR C 4 16.79 -44.16 0.97
C THR C 4 15.69 -44.36 2.03
N CYS C 5 15.78 -43.61 3.13
CA CYS C 5 14.77 -43.50 4.19
C CYS C 5 14.41 -42.03 4.52
N LEU C 6 15.35 -41.29 5.14
CA LEU C 6 15.28 -39.85 5.50
C LEU C 6 16.71 -39.25 5.69
N LEU C 7 16.87 -37.91 5.61
CA LEU C 7 18.13 -37.16 5.84
C LEU C 7 18.26 -36.56 7.27
N PRO C 8 19.48 -36.42 7.83
CA PRO C 8 19.68 -35.84 9.16
C PRO C 8 19.21 -34.38 9.26
N GLY C 9 18.84 -33.97 10.46
CA GLY C 9 18.17 -32.70 10.72
C GLY C 9 16.74 -32.68 10.15
N SER C 10 15.95 -33.74 10.38
CA SER C 10 14.59 -33.90 9.84
C SER C 10 13.59 -34.48 10.85
N ASN C 11 12.40 -34.87 10.39
CA ASN C 11 11.21 -35.15 11.16
C ASN C 11 10.76 -33.98 12.05
N GLN C 12 10.54 -32.83 11.42
CA GLN C 12 9.80 -31.68 11.97
C GLN C 12 9.26 -30.82 10.82
N PHE C 13 8.44 -29.82 11.14
CA PHE C 13 8.30 -28.61 10.33
C PHE C 13 8.68 -27.38 11.16
N LEU C 14 9.68 -26.63 10.72
CA LEU C 14 10.13 -25.41 11.38
C LEU C 14 9.67 -24.21 10.55
N THR C 15 8.95 -23.30 11.18
CA THR C 15 8.12 -22.29 10.49
C THR C 15 8.89 -21.35 9.60
N THR C 16 10.16 -21.05 9.91
CA THR C 16 10.98 -20.05 9.19
C THR C 16 12.21 -20.66 8.52
N ASP C 17 12.19 -21.93 8.14
CA ASP C 17 13.39 -22.62 7.64
C ASP C 17 14.00 -22.03 6.34
N ASP C 18 15.27 -22.34 6.11
CA ASP C 18 16.07 -21.89 4.96
C ASP C 18 16.38 -23.03 3.96
N HIS C 19 15.77 -24.19 4.15
CA HIS C 19 15.89 -25.36 3.26
C HIS C 19 14.94 -25.25 2.05
N SER C 20 15.33 -25.87 0.95
CA SER C 20 14.56 -25.95 -0.30
C SER C 20 13.38 -26.94 -0.23
N SER C 21 12.70 -27.22 -1.35
CA SER C 21 11.57 -28.17 -1.44
C SER C 21 11.29 -28.66 -2.86
N ALA C 22 10.47 -29.71 -2.99
CA ALA C 22 10.26 -30.48 -4.21
C ALA C 22 9.16 -29.86 -5.11
N PRO C 23 9.45 -29.55 -6.38
CA PRO C 23 8.53 -28.81 -7.23
C PRO C 23 7.48 -29.69 -7.93
N ALA C 24 6.24 -29.22 -7.96
CA ALA C 24 5.28 -29.63 -8.97
C ALA C 24 5.73 -29.11 -10.33
N PHE C 25 5.11 -29.60 -11.39
CA PHE C 25 5.47 -29.23 -12.75
C PHE C 25 6.98 -29.38 -13.04
N PRO C 26 7.48 -30.62 -13.16
CA PRO C 26 8.82 -30.89 -13.66
C PRO C 26 9.14 -30.07 -14.92
N ASP C 27 10.02 -29.09 -14.75
CA ASP C 27 10.46 -28.11 -15.74
C ASP C 27 9.34 -27.40 -16.52
N PHE C 28 8.27 -26.94 -15.85
CA PHE C 28 7.50 -25.82 -16.38
C PHE C 28 8.37 -24.55 -16.34
N SER C 29 8.76 -24.02 -17.50
CA SER C 29 9.54 -22.78 -17.59
C SER C 29 8.65 -21.59 -17.17
N PRO C 30 9.04 -20.77 -16.19
CA PRO C 30 8.20 -19.67 -15.72
C PRO C 30 7.99 -18.59 -16.78
N THR C 31 6.90 -17.84 -16.65
CA THR C 31 6.68 -16.62 -17.45
C THR C 31 7.82 -15.61 -17.21
N PRO C 32 8.35 -14.92 -18.24
CA PRO C 32 9.59 -14.13 -18.12
C PRO C 32 9.56 -12.98 -17.12
N GLU C 33 10.75 -12.47 -16.80
CA GLU C 33 10.98 -11.17 -16.15
C GLU C 33 10.71 -9.98 -17.09
N MET C 34 10.27 -8.86 -16.53
CA MET C 34 10.10 -7.56 -17.21
C MET C 34 10.79 -6.44 -16.41
N HIS C 35 11.48 -5.53 -17.11
CA HIS C 35 12.42 -4.56 -16.52
C HIS C 35 11.77 -3.28 -15.97
N ILE C 36 10.49 -3.34 -15.58
CA ILE C 36 9.67 -2.19 -15.14
C ILE C 36 10.33 -1.42 -13.97
N PRO C 37 10.10 -0.09 -13.83
CA PRO C 37 10.69 0.69 -12.77
C PRO C 37 10.00 0.40 -11.44
N GLY C 38 10.38 1.14 -10.41
CA GLY C 38 9.81 0.96 -9.08
C GLY C 38 10.20 -0.37 -8.47
N GLN C 39 11.31 -0.98 -8.89
CA GLN C 39 11.86 -2.14 -8.21
C GLN C 39 12.04 -1.78 -6.74
N VAL C 40 11.83 -2.73 -5.85
CA VAL C 40 12.33 -2.59 -4.48
C VAL C 40 13.04 -3.86 -4.07
N HIS C 41 14.11 -3.70 -3.31
CA HIS C 41 15.01 -4.77 -2.89
C HIS C 41 15.11 -4.81 -1.37
N SER C 42 15.04 -3.66 -0.71
CA SER C 42 15.06 -3.53 0.75
C SER C 42 13.92 -2.65 1.25
N MET C 43 13.33 -3.03 2.38
CA MET C 43 12.36 -2.22 3.11
C MET C 43 12.92 -0.85 3.45
N LEU C 44 14.24 -0.74 3.62
CA LEU C 44 14.86 0.53 3.94
C LEU C 44 14.71 1.54 2.80
N GLU C 45 14.73 1.08 1.55
CA GLU C 45 14.43 1.95 0.42
C GLU C 45 13.02 2.53 0.54
N ILE C 46 12.08 1.80 1.14
CA ILE C 46 10.73 2.30 1.41
C ILE C 46 10.74 3.27 2.57
N VAL C 47 11.33 2.89 3.71
CA VAL C 47 11.22 3.68 4.94
C VAL C 47 11.98 5.01 4.86
N GLN C 48 12.93 5.13 3.93
CA GLN C 48 13.63 6.37 3.61
C GLN C 48 12.78 7.39 2.86
N ILE C 49 11.57 7.04 2.40
CA ILE C 49 10.70 7.97 1.68
C ILE C 49 9.78 8.67 2.67
N GLU C 50 9.58 9.97 2.51
CA GLU C 50 8.79 10.76 3.45
C GLU C 50 7.35 10.27 3.59
N SER C 51 6.74 10.59 4.72
CA SER C 51 5.29 10.67 4.85
C SER C 51 4.93 11.92 5.59
N MET C 52 3.77 12.49 5.34
CA MET C 52 3.21 13.46 6.27
C MET C 52 2.92 12.75 7.60
N MET C 53 2.61 13.49 8.66
CA MET C 53 2.33 12.94 9.99
C MET C 53 1.28 13.78 10.71
N GLU C 54 0.48 13.17 11.59
CA GLU C 54 -0.61 13.84 12.29
C GLU C 54 -0.12 14.78 13.41
N ILE C 55 0.53 15.86 13.00
CA ILE C 55 0.91 16.97 13.87
C ILE C 55 -0.29 17.63 14.56
N ASN C 56 -1.49 17.46 14.00
CA ASN C 56 -2.75 17.95 14.57
C ASN C 56 -3.65 16.78 15.05
N ASN C 57 -3.09 15.82 15.79
CA ASN C 57 -3.83 14.64 16.28
C ASN C 57 -4.91 14.94 17.33
N VAL C 58 -5.11 16.19 17.73
CA VAL C 58 -6.00 16.62 18.82
C VAL C 58 -7.46 16.29 18.51
N ASN C 59 -8.26 16.02 19.53
CA ASN C 59 -9.56 15.33 19.44
C ASN C 59 -10.62 16.01 18.56
N ASP C 60 -10.54 17.33 18.34
CA ASP C 60 -11.48 18.04 17.45
C ASP C 60 -11.19 17.81 15.95
N ALA C 61 -9.96 17.49 15.58
CA ALA C 61 -9.57 17.37 14.18
C ALA C 61 -10.08 16.08 13.53
N SER C 62 -10.37 16.13 12.24
CA SER C 62 -10.98 15.04 11.46
C SER C 62 -10.51 15.03 10.00
N GLY C 63 -10.48 13.86 9.38
CA GLY C 63 -10.03 13.71 7.99
C GLY C 63 -8.65 14.33 7.76
N VAL C 64 -8.51 15.13 6.70
CA VAL C 64 -7.26 15.80 6.32
C VAL C 64 -6.75 16.81 7.34
N GLU C 65 -7.63 17.45 8.12
CA GLU C 65 -7.26 18.49 9.09
C GLU C 65 -6.23 18.02 10.12
N ARG C 66 -6.17 16.72 10.40
CA ARG C 66 -5.19 16.14 11.34
C ARG C 66 -3.74 16.28 10.88
N LEU C 67 -3.52 16.57 9.60
CA LEU C 67 -2.21 16.68 8.96
C LEU C 67 -1.72 18.11 8.81
N ARG C 68 -2.52 19.11 9.19
CA ARG C 68 -2.19 20.53 9.07
C ARG C 68 -2.42 21.30 10.40
N VAL C 69 -1.55 22.25 10.74
CA VAL C 69 -1.72 23.10 11.94
C VAL C 69 -1.97 24.53 11.49
N GLN C 70 -3.01 25.20 12.00
CA GLN C 70 -3.34 26.58 11.61
C GLN C 70 -2.54 27.61 12.42
N ILE C 71 -1.95 28.61 11.77
CA ILE C 71 -1.18 29.69 12.35
C ILE C 71 -1.95 30.99 12.13
N SER C 72 -2.36 31.69 13.18
CA SER C 72 -3.24 32.85 13.04
C SER C 72 -2.53 34.08 12.50
N GLN C 79 4.52 31.00 22.47
CA GLN C 79 3.39 30.08 22.48
C GLN C 79 3.56 28.96 21.44
N LEU C 80 3.25 27.71 21.78
CA LEU C 80 3.47 26.58 20.89
C LEU C 80 2.37 26.43 19.83
N LEU C 81 2.75 25.90 18.66
CA LEU C 81 1.84 25.48 17.60
C LEU C 81 1.65 23.97 17.61
N PHE C 82 2.76 23.25 17.72
CA PHE C 82 2.77 21.80 17.84
C PHE C 82 3.99 21.32 18.62
N ASN C 83 3.89 20.13 19.17
CA ASN C 83 4.89 19.52 20.02
C ASN C 83 4.74 18.00 19.85
N ILE C 84 5.70 17.38 19.18
CA ILE C 84 5.59 16.05 18.58
C ILE C 84 6.29 15.02 19.48
N PRO C 85 5.58 14.06 20.10
CA PRO C 85 6.20 12.96 20.81
C PRO C 85 7.03 12.12 19.84
N LEU C 86 8.31 11.95 20.12
CA LEU C 86 9.28 11.54 19.09
C LEU C 86 9.58 10.04 19.00
N ASP C 87 8.91 9.19 19.77
CA ASP C 87 9.03 7.73 19.58
C ASP C 87 8.31 7.27 18.30
N ILE C 88 9.04 6.59 17.41
CA ILE C 88 8.54 6.19 16.10
C ILE C 88 7.49 5.07 16.13
N GLN C 89 7.39 4.27 17.18
CA GLN C 89 6.60 3.04 17.19
C GLN C 89 5.54 3.02 18.30
N LEU C 90 5.75 3.73 19.41
CA LEU C 90 4.70 4.07 20.37
C LEU C 90 3.63 4.94 19.68
N GLU C 91 2.42 4.96 20.21
CA GLU C 91 1.36 5.87 19.72
C GLU C 91 1.79 7.35 19.80
N GLY C 92 1.32 8.14 18.83
CA GLY C 92 1.74 9.51 18.58
C GLY C 92 1.64 9.88 17.10
N PRO C 93 2.08 11.08 16.69
CA PRO C 93 1.95 11.55 15.32
C PRO C 93 2.65 10.69 14.28
N LEU C 94 3.81 10.13 14.64
CA LEU C 94 4.60 9.30 13.74
C LEU C 94 3.92 7.95 13.47
N ARG C 95 2.95 7.52 14.27
CA ARG C 95 2.36 6.16 14.20
C ARG C 95 1.78 5.80 12.84
N ASN C 96 1.31 6.79 12.10
CA ASN C 96 0.78 6.65 10.74
C ASN C 96 1.66 7.36 9.72
N THR C 97 2.85 6.82 9.54
CA THR C 97 3.85 7.23 8.55
C THR C 97 4.52 5.98 8.00
N LEU C 98 5.27 6.04 6.90
CA LEU C 98 6.08 4.90 6.47
C LEU C 98 7.11 4.50 7.51
N LEU C 99 7.80 5.46 8.09
CA LEU C 99 8.65 5.26 9.26
C LEU C 99 7.96 4.39 10.32
N GLY C 100 6.80 4.83 10.78
CA GLY C 100 6.10 4.25 11.93
C GLY C 100 5.31 3.00 11.61
N ASN C 101 4.95 2.78 10.34
CA ASN C 101 4.32 1.54 9.87
C ASN C 101 5.32 0.44 9.65
N ILE C 102 6.34 0.66 8.82
CA ILE C 102 7.35 -0.36 8.55
C ILE C 102 8.01 -0.77 9.85
N SER C 103 8.51 0.17 10.64
CA SER C 103 9.27 -0.17 11.83
C SER C 103 8.44 -0.92 12.86
N ARG C 104 7.11 -0.80 12.85
CA ARG C 104 6.27 -1.56 13.79
C ARG C 104 6.44 -3.06 13.65
N TYR C 105 6.85 -3.55 12.49
CA TYR C 105 7.17 -4.96 12.24
C TYR C 105 8.47 -5.46 12.87
N TYR C 106 9.17 -4.66 13.67
CA TYR C 106 10.50 -4.99 14.15
C TYR C 106 10.72 -4.59 15.60
N THR C 107 11.66 -5.27 16.23
CA THR C 107 11.87 -5.27 17.68
C THR C 107 12.40 -3.94 18.18
N HIS C 108 13.53 -3.48 17.66
CA HIS C 108 14.05 -2.14 17.90
C HIS C 108 14.81 -1.63 16.68
N TRP C 109 14.99 -0.32 16.64
CA TRP C 109 15.40 0.46 15.48
C TRP C 109 16.63 1.29 15.82
N SER C 110 17.38 1.72 14.81
CA SER C 110 18.59 2.53 14.99
C SER C 110 18.83 3.39 13.77
N GLY C 111 19.51 4.51 13.95
CA GLY C 111 19.79 5.49 12.91
C GLY C 111 18.92 6.72 13.03
N SER C 112 19.27 7.74 12.26
CA SER C 112 18.70 9.07 12.32
C SER C 112 17.41 9.23 11.48
N LEU C 113 16.61 10.23 11.85
CA LEU C 113 15.45 10.68 11.07
C LEU C 113 15.73 12.06 10.47
N GLU C 114 14.80 12.58 9.70
CA GLU C 114 14.67 14.02 9.49
C GLU C 114 13.21 14.42 9.30
N MET C 115 12.81 15.52 9.90
CA MET C 115 11.58 16.21 9.54
C MET C 115 11.78 17.12 8.35
N THR C 116 10.72 17.33 7.59
CA THR C 116 10.56 18.45 6.67
C THR C 116 9.21 19.09 6.94
N PHE C 117 9.20 20.35 7.29
CA PHE C 117 7.96 21.13 7.36
C PHE C 117 7.73 21.87 6.06
N MET C 118 6.54 22.36 5.82
CA MET C 118 6.19 23.12 4.62
C MET C 118 5.05 24.06 4.95
N PHE C 119 5.09 25.29 4.46
CA PHE C 119 4.16 26.35 4.85
C PHE C 119 3.26 26.72 3.67
N CYS C 120 1.95 26.57 3.82
CA CYS C 120 0.99 26.63 2.70
C CYS C 120 0.50 28.05 2.37
N GLY C 121 1.23 29.06 2.82
CA GLY C 121 0.79 30.44 2.85
C GLY C 121 0.63 31.09 1.48
N SER C 122 0.07 32.27 1.50
CA SER C 122 0.18 33.26 0.44
C SER C 122 1.61 33.79 0.32
N PHE C 123 2.07 34.08 -0.88
CA PHE C 123 3.43 34.49 -1.16
C PHE C 123 3.87 35.74 -0.38
N MET C 124 2.94 36.66 -0.15
CA MET C 124 3.20 37.92 0.56
C MET C 124 3.29 37.76 2.09
N THR C 125 3.03 36.58 2.65
CA THR C 125 2.94 36.34 4.11
C THR C 125 4.22 35.82 4.70
N THR C 126 4.65 36.34 5.86
CA THR C 126 5.87 35.93 6.57
C THR C 126 5.73 35.97 8.10
N GLY C 127 6.72 35.40 8.76
CA GLY C 127 6.82 35.23 10.21
C GLY C 127 8.05 34.39 10.53
N LYS C 128 8.55 34.48 11.77
CA LYS C 128 9.61 33.58 12.28
C LYS C 128 9.03 32.63 13.31
N LEU C 129 9.20 31.33 13.07
CA LEU C 129 8.92 30.29 14.04
C LEU C 129 10.23 29.74 14.55
N ILE C 130 10.39 29.69 15.85
CA ILE C 130 11.46 28.87 16.40
C ILE C 130 10.99 27.43 16.36
N ILE C 131 11.85 26.55 15.89
CA ILE C 131 11.75 25.11 16.09
C ILE C 131 12.84 24.78 17.10
N CYS C 132 12.54 23.94 18.08
CA CYS C 132 13.60 23.36 18.89
C CYS C 132 13.32 21.90 19.23
N TYR C 133 14.41 21.19 19.50
CA TYR C 133 14.49 19.75 19.63
C TYR C 133 14.93 19.38 21.05
N THR C 134 14.31 18.35 21.62
CA THR C 134 14.60 17.87 22.96
C THR C 134 15.21 16.48 22.85
N PRO C 135 16.53 16.35 23.04
CA PRO C 135 17.22 15.08 23.11
C PRO C 135 16.70 14.15 24.22
N PRO C 136 17.04 12.85 24.16
CA PRO C 136 16.62 11.87 25.14
C PRO C 136 16.86 12.32 26.59
N GLY C 137 15.88 12.07 27.45
CA GLY C 137 15.88 12.41 28.88
C GLY C 137 15.53 13.86 29.21
N GLY C 138 15.46 14.75 28.21
CA GLY C 138 15.10 16.14 28.41
C GLY C 138 13.65 16.35 28.86
N SER C 139 13.39 17.50 29.49
CA SER C 139 12.05 18.02 29.76
C SER C 139 11.50 18.78 28.55
N SER C 140 10.18 18.90 28.45
CA SER C 140 9.53 19.70 27.40
C SER C 140 9.86 21.18 27.60
N PRO C 141 10.35 21.93 26.59
CA PRO C 141 10.47 23.38 26.69
C PRO C 141 9.09 23.99 26.93
N THR C 142 8.88 24.60 28.09
CA THR C 142 7.56 25.10 28.48
C THR C 142 7.15 26.28 27.61
N ASP C 143 8.06 27.19 27.27
CA ASP C 143 7.82 28.35 26.41
C ASP C 143 9.09 28.76 25.63
N ARG C 144 8.97 29.78 24.77
CA ARG C 144 10.04 30.17 23.85
C ARG C 144 11.39 30.48 24.50
N MET C 145 11.48 30.83 25.78
CA MET C 145 12.80 31.07 26.40
C MET C 145 13.60 29.77 26.55
N GLN C 146 12.96 28.66 26.90
CA GLN C 146 13.64 27.37 26.91
C GLN C 146 13.92 26.88 25.48
N ALA C 147 13.05 27.17 24.51
CA ALA C 147 13.36 26.85 23.11
C ALA C 147 14.55 27.63 22.56
N MET C 148 14.69 28.89 22.95
CA MET C 148 15.80 29.78 22.58
C MET C 148 17.15 29.34 23.19
N LEU C 149 17.13 28.73 24.36
CA LEU C 149 18.31 28.10 24.98
C LEU C 149 18.54 26.65 24.49
N ALA C 150 17.51 25.94 24.03
CA ALA C 150 17.58 24.59 23.46
C ALA C 150 18.17 24.56 22.03
N THR C 151 18.60 23.38 21.56
CA THR C 151 19.06 23.20 20.18
C THR C 151 17.92 23.52 19.22
N HIS C 152 18.13 24.46 18.30
CA HIS C 152 17.03 25.13 17.59
C HIS C 152 17.35 25.52 16.15
N VAL C 153 16.31 25.77 15.35
CA VAL C 153 16.44 26.60 14.14
C VAL C 153 15.31 27.62 14.11
N VAL C 154 15.59 28.87 13.77
CA VAL C 154 14.55 29.86 13.52
C VAL C 154 14.18 29.82 12.05
N TRP C 155 13.01 29.27 11.77
CA TRP C 155 12.43 29.24 10.45
C TRP C 155 11.73 30.55 10.15
N ASP C 156 12.37 31.42 9.38
CA ASP C 156 11.66 32.48 8.66
C ASP C 156 10.95 31.86 7.45
N PHE C 157 9.69 32.15 7.20
CA PHE C 157 9.03 31.66 5.99
C PHE C 157 9.56 32.31 4.71
N GLY C 158 10.19 33.48 4.81
CA GLY C 158 10.94 34.07 3.70
C GLY C 158 12.17 33.22 3.37
N LEU C 159 12.66 33.32 2.14
CA LEU C 159 13.73 32.50 1.53
C LEU C 159 13.41 30.99 1.42
N GLN C 160 12.67 30.42 2.37
CA GLN C 160 12.64 28.99 2.61
C GLN C 160 11.26 28.55 3.09
N SER C 161 10.36 28.27 2.15
CA SER C 161 8.98 27.84 2.43
C SER C 161 8.86 26.49 3.16
N SER C 162 9.95 25.75 3.34
CA SER C 162 9.90 24.33 3.71
C SER C 162 11.19 23.84 4.39
N ILE C 163 11.40 24.23 5.65
CA ILE C 163 12.62 23.86 6.39
C ILE C 163 12.68 22.35 6.69
N THR C 164 13.89 21.81 6.78
CA THR C 164 14.17 20.40 7.09
C THR C 164 15.20 20.28 8.20
N ILE C 165 14.99 19.37 9.14
CA ILE C 165 15.77 19.25 10.38
C ILE C 165 16.03 17.79 10.75
N ILE C 166 17.29 17.39 10.74
CA ILE C 166 17.73 16.03 11.08
C ILE C 166 17.57 15.76 12.58
N ILE C 167 17.40 14.49 12.93
CA ILE C 167 17.23 14.01 14.31
C ILE C 167 18.18 12.84 14.54
N PRO C 168 19.34 13.06 15.18
CA PRO C 168 20.36 12.04 15.40
C PRO C 168 20.00 10.92 16.40
N TRP C 169 20.83 9.87 16.43
CA TRP C 169 20.69 8.70 17.30
C TRP C 169 22.07 8.10 17.60
N VAL C 189 14.28 9.73 23.57
CA VAL C 189 13.89 10.89 22.77
C VAL C 189 12.72 11.63 23.42
N GLY C 190 12.68 12.94 23.24
CA GLY C 190 11.60 13.77 23.76
C GLY C 190 10.70 14.22 22.63
N TYR C 191 11.11 15.29 21.96
CA TYR C 191 10.22 16.06 21.14
C TYR C 191 10.92 16.84 20.03
N VAL C 192 10.12 17.22 19.05
CA VAL C 192 10.34 18.43 18.23
C VAL C 192 9.18 19.37 18.52
N THR C 193 9.50 20.63 18.75
CA THR C 193 8.57 21.64 19.27
C THR C 193 8.71 22.92 18.47
N CYS C 194 7.62 23.64 18.24
CA CYS C 194 7.63 24.74 17.29
C CYS C 194 6.67 25.85 17.69
N PHE C 195 7.19 27.07 17.87
CA PHE C 195 6.50 28.15 18.58
C PHE C 195 6.48 29.44 17.76
N MET C 196 5.40 30.23 17.90
CA MET C 196 5.28 31.55 17.25
C MET C 196 6.23 32.55 17.90
N GLN C 197 7.46 32.63 17.40
CA GLN C 197 8.49 33.49 17.99
C GLN C 197 8.21 34.95 17.69
N THR C 198 7.97 35.31 16.43
CA THR C 198 7.13 36.48 16.13
C THR C 198 5.67 36.04 16.11
N ASN C 199 4.75 36.98 16.18
CA ASN C 199 3.43 36.75 15.62
C ASN C 199 3.53 36.64 14.07
N LEU C 200 2.47 36.21 13.38
CA LEU C 200 2.43 36.21 11.90
C LEU C 200 2.28 37.63 11.35
N VAL C 201 2.69 37.88 10.10
CA VAL C 201 2.30 39.07 9.31
C VAL C 201 1.85 38.69 7.90
N ALA C 202 0.71 39.23 7.46
CA ALA C 202 0.08 38.99 6.15
C ALA C 202 -0.61 40.26 5.61
N PRO C 203 -0.71 40.42 4.28
CA PRO C 203 -1.40 41.54 3.66
C PRO C 203 -2.91 41.47 3.83
N VAL C 204 -3.61 42.54 3.44
CA VAL C 204 -5.07 42.65 3.48
C VAL C 204 -5.80 41.65 2.57
N GLY C 205 -5.13 41.12 1.55
CA GLY C 205 -5.70 40.17 0.59
C GLY C 205 -5.58 38.69 0.95
N ALA C 206 -4.95 38.33 2.08
CA ALA C 206 -4.76 36.93 2.47
C ALA C 206 -5.12 36.70 3.94
N ALA C 207 -5.92 35.68 4.22
CA ALA C 207 -6.46 35.41 5.55
C ALA C 207 -5.43 34.78 6.49
N ASP C 208 -5.73 34.78 7.79
CA ASP C 208 -4.97 34.07 8.83
C ASP C 208 -5.19 32.55 8.84
N GLN C 209 -5.99 31.99 7.94
CA GLN C 209 -6.12 30.55 7.71
C GLN C 209 -4.88 29.99 7.02
N CYS C 210 -3.70 30.24 7.60
CA CYS C 210 -2.41 29.82 7.07
C CYS C 210 -1.95 28.55 7.79
N TYR C 211 -1.32 27.62 7.09
CA TYR C 211 -1.18 26.26 7.55
C TYR C 211 0.22 25.69 7.36
N ILE C 212 0.71 24.95 8.36
CA ILE C 212 1.93 24.13 8.24
C ILE C 212 1.58 22.67 8.03
N VAL C 213 2.32 22.04 7.13
CA VAL C 213 2.40 20.59 6.90
C VAL C 213 3.68 20.06 7.51
N GLY C 214 3.62 18.94 8.20
CA GLY C 214 4.79 18.27 8.79
C GLY C 214 5.01 16.91 8.16
N MET C 215 6.27 16.58 7.87
CA MET C 215 6.65 15.33 7.20
C MET C 215 7.92 14.76 7.80
N VAL C 216 8.11 13.45 7.67
CA VAL C 216 9.24 12.74 8.28
C VAL C 216 9.62 11.52 7.45
N ALA C 217 10.86 11.08 7.60
CA ALA C 217 11.44 9.85 7.08
C ALA C 217 12.61 9.41 7.96
N ALA C 218 13.04 8.16 7.82
CA ALA C 218 14.39 7.80 8.22
C ALA C 218 15.44 8.30 7.23
N LYS C 219 16.70 8.38 7.67
CA LYS C 219 17.87 8.69 6.83
C LYS C 219 18.47 7.42 6.20
N LYS C 220 19.50 7.57 5.36
CA LYS C 220 20.30 6.46 4.81
C LYS C 220 20.89 5.53 5.87
N ASP C 221 21.19 6.02 7.07
CA ASP C 221 21.87 5.23 8.11
C ASP C 221 20.99 4.24 8.87
N PHE C 222 19.68 4.23 8.61
CA PHE C 222 18.71 3.49 9.41
C PHE C 222 18.87 1.96 9.34
N ASN C 223 18.51 1.25 10.40
CA ASN C 223 18.47 -0.22 10.46
C ASN C 223 17.38 -0.71 11.41
N LEU C 224 16.74 -1.82 11.06
CA LEU C 224 15.69 -2.47 11.84
C LEU C 224 16.08 -3.94 12.13
N ARG C 225 15.99 -4.36 13.39
CA ARG C 225 16.82 -5.47 13.85
C ARG C 225 16.26 -6.87 13.59
N LEU C 226 15.00 -7.10 13.93
CA LEU C 226 14.45 -8.44 14.17
C LEU C 226 12.92 -8.42 14.15
N MET C 227 12.25 -9.24 13.33
CA MET C 227 10.80 -9.15 13.07
C MET C 227 9.89 -9.56 14.23
N ARG C 228 8.81 -8.82 14.41
CA ARG C 228 7.69 -9.04 15.34
C ARG C 228 6.42 -8.44 14.76
N ASP C 229 5.39 -9.24 14.52
CA ASP C 229 4.28 -8.79 13.66
C ASP C 229 3.49 -7.61 14.26
N SER C 230 3.13 -6.63 13.43
CA SER C 230 2.52 -5.34 13.81
C SER C 230 1.16 -5.48 14.50
N PRO C 231 0.82 -4.65 15.50
CA PRO C 231 -0.45 -4.73 16.23
C PRO C 231 -1.60 -3.97 15.60
N ASP C 232 -1.40 -3.21 14.52
CA ASP C 232 -2.45 -2.34 13.97
C ASP C 232 -3.58 -3.08 13.21
N ILE C 233 -3.34 -4.31 12.75
CA ILE C 233 -4.33 -5.19 12.10
C ILE C 233 -4.28 -6.57 12.75
#